data_2XYJ
#
_entry.id   2XYJ
#
_cell.length_a   37.749
_cell.length_b   112.009
_cell.length_c   152.573
_cell.angle_alpha   90.00
_cell.angle_beta   95.71
_cell.angle_gamma   90.00
#
_symmetry.space_group_name_H-M   'C 1 2 1'
#
loop_
_entity.id
_entity.type
_entity.pdbx_description
1 polymer 'PEROXISOME PROLIFERATOR-ACTIVATED RECEPTOR DELTA'
2 non-polymer 5-CHLORO-2-METHOXY-N-[2-[4-[(5-PROPAN-2-YL-1,3,4-THIADIAZOL-2-YL)SULFAMOYL]PHENYL]ETHYL]BENZAMIDE
3 non-polymer 'PENTAETHYLENE GLYCOL'
4 water water
#
_entity_poly.entity_id   1
_entity_poly.type   'polypeptide(L)'
_entity_poly.pdbx_seq_one_letter_code
;MKKGHHHHHHGGSQYNPQVADLKAFSKHIYNAYLKNFNMTKKKARSILTGKASHTAPFVIHDIETLWQAEKGLVWKQLVN
GLPPYKEISVHVFYRCQCTTVETVRELTEFAKSIPSFSSLFLNDQVTLLKYGVHEAIFAMLASIVNKDGLLVANGSGFVT
REFLRSLRKPFSDIIEPKFEFAVKFNALELDDSDLALFIAAIILCGDRPGLMNVPRVEAIQDTILRALEFHLQANHPDAQ
YLFPKLLQKMADLRQLVTEHAQMMQRIKKTETETSLHPLLQEIYKDMY
;
_entity_poly.pdbx_strand_id   A,B
#
# COMPACT_ATOMS: atom_id res chain seq x y z
N ALA A 20 -18.95 18.98 27.28
CA ALA A 20 -18.49 20.26 26.73
C ALA A 20 -17.45 20.05 25.64
N ASP A 21 -16.32 19.45 26.02
CA ASP A 21 -15.28 19.19 25.03
C ASP A 21 -15.73 18.04 24.13
N LEU A 22 -16.54 17.14 24.69
CA LEU A 22 -17.08 16.03 23.90
C LEU A 22 -17.95 16.56 22.75
N LYS A 23 -18.81 17.51 23.05
CA LYS A 23 -19.69 18.13 22.07
C LYS A 23 -18.90 18.74 20.90
N ALA A 24 -17.75 19.34 21.22
CA ALA A 24 -16.92 19.94 20.19
C ALA A 24 -16.13 18.87 19.44
N PHE A 25 -15.79 17.80 20.16
CA PHE A 25 -15.09 16.68 19.57
C PHE A 25 -15.96 16.05 18.48
N SER A 26 -17.20 15.75 18.84
CA SER A 26 -18.17 15.15 17.93
C SER A 26 -18.39 16.01 16.70
N LYS A 27 -18.41 17.32 16.88
CA LYS A 27 -18.61 18.24 15.79
C LYS A 27 -17.43 18.20 14.81
N HIS A 28 -16.24 18.07 15.38
CA HIS A 28 -15.03 17.98 14.57
C HIS A 28 -15.04 16.69 13.72
N ILE A 29 -15.41 15.57 14.35
CA ILE A 29 -15.51 14.30 13.64
C ILE A 29 -16.58 14.38 12.53
N TYR A 30 -17.71 15.03 12.85
CA TYR A 30 -18.81 15.18 11.89
C TYR A 30 -18.35 15.99 10.68
N ASN A 31 -17.64 17.08 10.93
CA ASN A 31 -17.15 17.92 9.83
C ASN A 31 -16.17 17.18 8.94
N ALA A 32 -15.31 16.36 9.54
CA ALA A 32 -14.33 15.60 8.76
C ALA A 32 -15.05 14.52 7.95
N TYR A 33 -16.18 14.04 8.47
CA TYR A 33 -16.95 13.04 7.75
C TYR A 33 -17.60 13.75 6.55
N LEU A 34 -18.18 14.91 6.81
CA LEU A 34 -18.80 15.68 5.75
C LEU A 34 -17.74 16.06 4.73
N LYS A 35 -16.53 16.36 5.18
CA LYS A 35 -15.50 16.73 4.24
C LYS A 35 -15.03 15.57 3.36
N ASN A 36 -15.03 14.37 3.90
CA ASN A 36 -14.47 13.24 3.18
C ASN A 36 -15.40 12.37 2.36
N PHE A 37 -16.69 12.40 2.68
CA PHE A 37 -17.67 11.57 1.96
C PHE A 37 -18.73 12.42 1.28
N ASN A 38 -18.83 12.34 -0.04
CA ASN A 38 -19.82 13.13 -0.78
C ASN A 38 -21.28 12.73 -0.60
N MET A 39 -21.59 11.44 -0.60
CA MET A 39 -22.97 11.03 -0.39
C MET A 39 -23.22 10.94 1.11
N THR A 40 -24.14 11.76 1.61
CA THR A 40 -24.46 11.73 3.02
C THR A 40 -25.77 10.97 3.09
N LYS A 41 -26.09 10.46 4.29
CA LYS A 41 -27.36 9.80 4.49
C LYS A 41 -28.50 10.79 4.21
N LYS A 42 -28.36 12.01 4.70
CA LYS A 42 -29.39 13.03 4.52
C LYS A 42 -29.76 13.19 3.03
N LYS A 43 -28.75 13.41 2.20
CA LYS A 43 -28.94 13.52 0.76
C LYS A 43 -29.51 12.22 0.15
N ALA A 44 -28.95 11.07 0.54
CA ALA A 44 -29.44 9.81 0.02
C ALA A 44 -30.92 9.62 0.31
N ARG A 45 -31.31 9.90 1.54
CA ARG A 45 -32.70 9.73 1.98
C ARG A 45 -33.67 10.67 1.28
N SER A 46 -33.24 11.90 1.01
CA SER A 46 -34.11 12.84 0.34
C SER A 46 -34.23 12.48 -1.15
N ILE A 47 -33.38 11.57 -1.62
CA ILE A 47 -33.47 11.15 -3.01
C ILE A 47 -34.38 9.93 -3.12
N LEU A 48 -34.16 8.97 -2.23
CA LEU A 48 -34.90 7.72 -2.24
C LEU A 48 -36.37 7.95 -1.90
N THR A 49 -36.62 9.03 -1.18
CA THR A 49 -37.96 9.39 -0.72
C THR A 49 -38.62 10.38 -1.66
N GLY A 50 -37.82 11.26 -2.27
CA GLY A 50 -38.35 12.28 -3.16
C GLY A 50 -38.49 13.61 -2.41
N SER A 53 -37.03 19.04 -4.39
CA SER A 53 -35.78 19.57 -4.92
C SER A 53 -34.82 18.45 -5.29
N HIS A 54 -35.36 17.23 -5.39
CA HIS A 54 -34.57 16.07 -5.79
C HIS A 54 -35.28 15.36 -6.92
N THR A 55 -34.64 15.28 -8.08
CA THR A 55 -35.23 14.59 -9.20
C THR A 55 -35.08 13.08 -8.96
N ALA A 56 -36.01 12.30 -9.51
CA ALA A 56 -35.98 10.86 -9.31
C ALA A 56 -34.81 10.26 -10.06
N PRO A 57 -34.12 9.29 -9.45
CA PRO A 57 -32.96 8.68 -10.09
C PRO A 57 -33.38 7.76 -11.24
N PHE A 58 -32.52 7.62 -12.24
CA PHE A 58 -32.80 6.70 -13.36
C PHE A 58 -32.73 5.24 -12.84
N VAL A 59 -33.83 4.50 -12.99
CA VAL A 59 -33.91 3.12 -12.51
C VAL A 59 -33.23 2.10 -13.42
N ILE A 60 -32.27 1.36 -12.84
CA ILE A 60 -31.52 0.33 -13.55
C ILE A 60 -32.09 -1.02 -13.12
N HIS A 61 -32.87 -1.64 -14.00
CA HIS A 61 -33.57 -2.88 -13.65
C HIS A 61 -33.26 -4.06 -14.58
N ASP A 62 -32.42 -3.80 -15.58
CA ASP A 62 -32.02 -4.82 -16.53
C ASP A 62 -30.80 -4.35 -17.30
N ILE A 63 -30.33 -5.19 -18.21
CA ILE A 63 -29.13 -4.90 -18.95
C ILE A 63 -29.24 -3.67 -19.82
N GLU A 64 -30.43 -3.47 -20.39
CA GLU A 64 -30.66 -2.33 -21.27
C GLU A 64 -30.56 -1.01 -20.50
N THR A 65 -31.24 -0.97 -19.35
CA THR A 65 -31.24 0.23 -18.51
C THR A 65 -29.86 0.44 -17.89
N LEU A 66 -29.16 -0.66 -17.63
CA LEU A 66 -27.77 -0.56 -17.15
C LEU A 66 -26.92 0.07 -18.23
N TRP A 67 -27.03 -0.43 -19.46
CA TRP A 67 -26.27 0.14 -20.57
C TRP A 67 -26.63 1.62 -20.76
N GLN A 68 -27.92 1.95 -20.73
CA GLN A 68 -28.32 3.35 -20.88
C GLN A 68 -27.76 4.20 -19.73
N ALA A 69 -27.85 3.67 -18.50
CA ALA A 69 -27.31 4.38 -17.34
C ALA A 69 -25.82 4.62 -17.48
N GLU A 70 -25.12 3.65 -18.04
CA GLU A 70 -23.67 3.77 -18.25
C GLU A 70 -23.38 4.86 -19.27
N LYS A 71 -24.19 4.91 -20.32
CA LYS A 71 -23.98 5.91 -21.35
C LYS A 71 -24.50 7.29 -20.93
N GLY A 72 -25.65 7.33 -20.27
CA GLY A 72 -26.30 8.60 -19.92
C GLY A 72 -25.85 9.28 -18.63
N LEU A 73 -25.72 8.51 -17.56
CA LEU A 73 -25.34 9.10 -16.27
C LEU A 73 -23.85 9.38 -16.21
N VAL A 74 -23.46 10.21 -15.26
CA VAL A 74 -22.05 10.48 -15.06
C VAL A 74 -21.60 9.76 -13.79
N TRP A 75 -20.57 8.95 -13.90
CA TRP A 75 -20.06 8.18 -12.78
C TRP A 75 -18.63 8.62 -12.47
N LYS A 76 -18.18 8.30 -11.27
CA LYS A 76 -16.80 8.62 -10.91
C LYS A 76 -15.71 7.88 -11.71
N GLN A 77 -16.12 7.07 -12.69
CA GLN A 77 -15.20 6.37 -13.62
C GLN A 77 -15.88 5.23 -14.37
N GLY A 81 -12.98 3.20 -18.39
CA GLY A 81 -12.51 3.09 -17.01
C GLY A 81 -12.31 1.64 -16.55
N LEU A 82 -13.41 0.90 -16.42
CA LEU A 82 -13.37 -0.47 -15.95
C LEU A 82 -12.88 -1.37 -17.07
N PRO A 83 -12.45 -2.59 -16.73
CA PRO A 83 -12.00 -3.54 -17.74
C PRO A 83 -13.09 -3.75 -18.78
N PRO A 84 -12.69 -3.75 -20.05
CA PRO A 84 -13.62 -3.97 -21.15
C PRO A 84 -13.75 -5.47 -21.41
N TYR A 85 -14.72 -5.85 -22.24
CA TYR A 85 -14.90 -7.25 -22.63
C TYR A 85 -15.24 -8.19 -21.50
N LYS A 86 -16.18 -7.78 -20.65
CA LYS A 86 -16.58 -8.57 -19.49
C LYS A 86 -18.06 -8.82 -19.50
N GLU A 87 -18.43 -10.03 -19.13
CA GLU A 87 -19.84 -10.37 -19.02
C GLU A 87 -20.41 -9.45 -17.95
N ILE A 88 -21.73 -9.29 -17.95
CA ILE A 88 -22.43 -8.38 -17.06
C ILE A 88 -22.10 -8.57 -15.56
N SER A 89 -22.18 -9.79 -15.09
CA SER A 89 -21.92 -10.11 -13.68
C SER A 89 -20.55 -9.60 -13.28
N VAL A 90 -19.57 -9.91 -14.11
CA VAL A 90 -18.19 -9.54 -13.85
C VAL A 90 -18.00 -8.04 -13.94
N HIS A 91 -18.66 -7.43 -14.93
CA HIS A 91 -18.57 -6.00 -15.15
C HIS A 91 -19.11 -5.26 -13.92
N VAL A 92 -20.26 -5.71 -13.42
CA VAL A 92 -20.87 -5.07 -12.27
C VAL A 92 -19.99 -5.29 -11.01
N PHE A 93 -19.27 -6.40 -10.99
CA PHE A 93 -18.37 -6.76 -9.89
C PHE A 93 -17.19 -5.79 -9.82
N TYR A 94 -16.71 -5.40 -10.99
CA TYR A 94 -15.58 -4.46 -11.10
C TYR A 94 -15.98 -3.03 -10.77
N ARG A 95 -17.19 -2.66 -11.15
CA ARG A 95 -17.75 -1.36 -10.81
C ARG A 95 -17.69 -1.25 -9.28
N CYS A 96 -18.25 -2.25 -8.59
CA CYS A 96 -18.33 -2.26 -7.13
C CYS A 96 -16.96 -2.19 -6.48
N GLN A 97 -16.03 -2.99 -7.00
CA GLN A 97 -14.65 -3.00 -6.55
C GLN A 97 -14.06 -1.61 -6.68
N CYS A 98 -14.27 -1.00 -7.83
CA CYS A 98 -13.71 0.33 -8.06
C CYS A 98 -14.28 1.32 -7.06
N THR A 99 -15.56 1.18 -6.75
CA THR A 99 -16.18 2.05 -5.76
C THR A 99 -15.66 1.75 -4.34
N THR A 100 -15.45 0.48 -4.04
CA THR A 100 -14.90 0.10 -2.72
C THR A 100 -13.52 0.73 -2.52
N VAL A 101 -12.67 0.66 -3.54
CA VAL A 101 -11.31 1.16 -3.46
C VAL A 101 -11.32 2.66 -3.16
N GLU A 102 -12.16 3.40 -3.87
CA GLU A 102 -12.30 4.84 -3.64
C GLU A 102 -12.76 5.15 -2.19
N THR A 103 -13.66 4.34 -1.63
CA THR A 103 -14.14 4.60 -0.26
C THR A 103 -13.04 4.27 0.76
N VAL A 104 -12.24 3.25 0.47
CA VAL A 104 -11.09 2.92 1.31
C VAL A 104 -10.18 4.14 1.38
N ARG A 105 -10.06 4.88 0.28
CA ARG A 105 -9.21 6.07 0.26
C ARG A 105 -9.83 7.24 0.99
N GLU A 106 -11.17 7.31 0.99
CA GLU A 106 -11.87 8.36 1.71
C GLU A 106 -11.73 8.08 3.20
N LEU A 107 -11.81 6.81 3.56
CA LEU A 107 -11.76 6.41 4.96
C LEU A 107 -10.38 6.66 5.53
N THR A 108 -9.37 6.55 4.67
CA THR A 108 -7.98 6.74 5.05
C THR A 108 -7.70 8.20 5.39
N GLU A 109 -8.29 9.11 4.62
CA GLU A 109 -8.14 10.54 4.88
C GLU A 109 -8.95 10.97 6.08
N PHE A 110 -10.11 10.35 6.25
CA PHE A 110 -10.97 10.64 7.38
C PHE A 110 -10.31 10.25 8.69
N ALA A 111 -9.70 9.06 8.74
CA ALA A 111 -9.06 8.57 9.95
C ALA A 111 -7.90 9.48 10.33
N LYS A 112 -7.37 10.18 9.33
CA LYS A 112 -6.30 11.13 9.55
C LYS A 112 -6.84 12.41 10.19
N SER A 113 -8.15 12.63 10.08
CA SER A 113 -8.76 13.81 10.72
C SER A 113 -9.22 13.49 12.15
N ILE A 114 -9.10 12.23 12.56
CA ILE A 114 -9.47 11.81 13.91
C ILE A 114 -8.31 12.14 14.86
N PRO A 115 -8.54 13.12 15.75
CA PRO A 115 -7.53 13.59 16.71
C PRO A 115 -6.74 12.43 17.35
N SER A 116 -5.43 12.43 17.12
CA SER A 116 -4.52 11.42 17.66
C SER A 116 -4.24 10.21 16.78
N PHE A 117 -5.15 9.92 15.85
CA PHE A 117 -4.97 8.75 14.98
C PHE A 117 -3.60 8.78 14.35
N SER A 118 -3.21 9.95 13.88
CA SER A 118 -1.91 10.12 13.27
C SER A 118 -0.76 10.01 14.28
N SER A 119 -1.10 9.76 15.54
CA SER A 119 -0.09 9.65 16.59
C SER A 119 0.32 8.20 16.78
N LEU A 120 -0.51 7.30 16.26
CA LEU A 120 -0.28 5.87 16.43
C LEU A 120 0.94 5.42 15.65
N PHE A 121 1.44 4.23 15.96
CA PHE A 121 2.56 3.70 15.21
C PHE A 121 2.03 3.42 13.83
N LEU A 122 2.88 3.62 12.83
CA LEU A 122 2.53 3.35 11.45
C LEU A 122 1.87 2.00 11.30
N ASN A 123 2.42 0.96 11.93
CA ASN A 123 1.82 -0.36 11.76
C ASN A 123 0.41 -0.41 12.28
N ASP A 124 0.14 0.34 13.36
CA ASP A 124 -1.17 0.31 13.97
C ASP A 124 -2.16 1.03 13.08
N GLN A 125 -1.77 2.19 12.58
CA GLN A 125 -2.65 2.94 11.68
C GLN A 125 -3.09 2.02 10.52
N VAL A 126 -2.11 1.36 9.91
CA VAL A 126 -2.36 0.45 8.80
C VAL A 126 -3.28 -0.69 9.18
N THR A 127 -2.99 -1.29 10.34
CA THR A 127 -3.76 -2.40 10.86
C THR A 127 -5.21 -2.00 11.11
N LEU A 128 -5.42 -0.81 11.67
CA LEU A 128 -6.78 -0.35 11.97
C LEU A 128 -7.58 -0.17 10.67
N LEU A 129 -6.97 0.45 9.67
CA LEU A 129 -7.60 0.65 8.37
C LEU A 129 -7.88 -0.65 7.64
N LYS A 130 -6.90 -1.55 7.66
CA LYS A 130 -7.01 -2.85 7.01
C LYS A 130 -8.16 -3.69 7.54
N TYR A 131 -8.28 -3.72 8.86
CA TYR A 131 -9.32 -4.50 9.50
C TYR A 131 -10.64 -3.75 9.70
N GLY A 132 -10.63 -2.44 9.57
CA GLY A 132 -11.83 -1.65 9.82
C GLY A 132 -12.53 -1.05 8.61
N VAL A 133 -11.80 -0.80 7.51
CA VAL A 133 -12.45 -0.18 6.36
C VAL A 133 -13.76 -0.79 5.86
N HIS A 134 -13.83 -2.10 5.71
CA HIS A 134 -15.05 -2.71 5.17
C HIS A 134 -16.22 -2.60 6.12
N GLU A 135 -15.91 -2.62 7.40
CA GLU A 135 -16.93 -2.43 8.43
C GLU A 135 -17.52 -1.04 8.26
N ALA A 136 -16.66 -0.04 8.06
CA ALA A 136 -17.12 1.33 7.89
C ALA A 136 -17.89 1.45 6.56
N ILE A 137 -17.33 0.89 5.49
CA ILE A 137 -17.99 0.91 4.17
C ILE A 137 -19.38 0.30 4.21
N PHE A 138 -19.52 -0.82 4.90
CA PHE A 138 -20.84 -1.47 4.99
C PHE A 138 -21.82 -0.68 5.84
N ALA A 139 -21.32 -0.03 6.90
CA ALA A 139 -22.22 0.77 7.72
C ALA A 139 -22.74 1.96 6.89
N MET A 140 -21.82 2.61 6.16
CA MET A 140 -22.20 3.73 5.28
C MET A 140 -23.01 3.31 4.08
N LEU A 141 -22.75 2.10 3.58
CA LEU A 141 -23.51 1.59 2.44
C LEU A 141 -25.02 1.59 2.72
N ALA A 142 -25.41 1.36 3.98
CA ALA A 142 -26.85 1.32 4.33
C ALA A 142 -27.57 2.65 4.04
N SER A 143 -26.82 3.75 4.12
CA SER A 143 -27.39 5.07 3.88
C SER A 143 -28.03 5.17 2.48
N ILE A 144 -27.47 4.42 1.53
CA ILE A 144 -27.93 4.47 0.16
C ILE A 144 -28.75 3.27 -0.30
N VAL A 145 -29.11 2.42 0.64
CA VAL A 145 -29.88 1.22 0.31
C VAL A 145 -31.27 1.23 0.95
N ASN A 146 -32.25 0.68 0.23
CA ASN A 146 -33.54 0.33 0.82
C ASN A 146 -33.82 -1.10 0.44
N LYS A 147 -34.98 -1.63 0.80
CA LYS A 147 -35.25 -3.04 0.52
C LYS A 147 -35.33 -3.34 -0.98
N ASP A 148 -35.48 -2.30 -1.80
CA ASP A 148 -35.69 -2.46 -3.24
C ASP A 148 -34.44 -2.29 -4.11
N GLY A 149 -33.37 -1.78 -3.54
CA GLY A 149 -32.14 -1.57 -4.30
C GLY A 149 -31.32 -0.47 -3.65
N LEU A 150 -30.37 0.07 -4.39
CA LEU A 150 -29.51 1.10 -3.84
C LEU A 150 -29.23 2.19 -4.87
N LEU A 151 -28.81 3.35 -4.38
CA LEU A 151 -28.43 4.46 -5.25
C LEU A 151 -27.03 4.24 -5.78
N VAL A 152 -26.84 4.60 -7.05
CA VAL A 152 -25.55 4.52 -7.72
C VAL A 152 -25.32 5.81 -8.52
N ALA A 153 -24.12 5.96 -9.08
CA ALA A 153 -23.80 7.12 -9.89
C ALA A 153 -24.06 8.41 -9.11
N ASN A 154 -23.68 8.38 -7.84
CA ASN A 154 -23.83 9.53 -6.95
C ASN A 154 -25.28 9.98 -6.81
N GLY A 155 -26.19 9.03 -6.68
CA GLY A 155 -27.58 9.39 -6.49
C GLY A 155 -28.43 9.54 -7.75
N SER A 156 -27.80 9.60 -8.93
CA SER A 156 -28.59 9.74 -10.17
C SER A 156 -29.10 8.43 -10.72
N GLY A 157 -28.58 7.33 -10.19
CA GLY A 157 -29.03 5.99 -10.61
C GLY A 157 -29.60 5.20 -9.41
N PHE A 158 -30.47 4.24 -9.70
CA PHE A 158 -31.00 3.38 -8.65
C PHE A 158 -31.05 1.98 -9.23
N VAL A 159 -30.22 1.08 -8.70
CA VAL A 159 -30.16 -0.31 -9.21
C VAL A 159 -31.07 -1.15 -8.35
N THR A 160 -31.94 -1.92 -8.98
CA THR A 160 -32.91 -2.69 -8.23
C THR A 160 -32.28 -3.96 -7.66
N ARG A 161 -32.80 -4.38 -6.51
CA ARG A 161 -32.34 -5.60 -5.86
C ARG A 161 -32.63 -6.83 -6.73
N GLU A 162 -33.78 -6.82 -7.40
CA GLU A 162 -34.18 -7.91 -8.32
C GLU A 162 -33.18 -8.04 -9.47
N PHE A 163 -32.74 -6.91 -10.01
CA PHE A 163 -31.78 -6.98 -11.10
C PHE A 163 -30.47 -7.61 -10.63
N LEU A 164 -30.10 -7.35 -9.38
CA LEU A 164 -28.86 -7.90 -8.84
C LEU A 164 -28.98 -9.42 -8.59
N ARG A 165 -30.13 -9.88 -8.10
CA ARG A 165 -30.28 -11.33 -7.90
C ARG A 165 -30.31 -12.07 -9.23
N SER A 166 -30.59 -11.33 -10.30
CA SER A 166 -30.69 -11.92 -11.63
C SER A 166 -29.34 -12.14 -12.26
N LEU A 167 -28.29 -11.66 -11.60
CA LEU A 167 -26.94 -11.85 -12.09
C LEU A 167 -26.46 -13.28 -11.80
N ARG A 168 -25.35 -13.66 -12.42
CA ARG A 168 -24.76 -15.01 -12.28
C ARG A 168 -24.30 -15.29 -10.87
N LYS A 169 -24.49 -16.52 -10.43
CA LYS A 169 -23.90 -16.98 -9.18
C LYS A 169 -22.46 -17.15 -9.64
N PRO A 170 -21.49 -16.81 -8.80
CA PRO A 170 -21.65 -16.46 -7.39
C PRO A 170 -21.83 -14.96 -7.13
N PHE A 171 -21.77 -14.17 -8.20
CA PHE A 171 -21.90 -12.71 -8.12
C PHE A 171 -23.25 -12.23 -7.61
N SER A 172 -24.28 -13.02 -7.81
CA SER A 172 -25.59 -12.62 -7.33
C SER A 172 -25.70 -12.82 -5.80
N ASP A 173 -24.73 -13.51 -5.22
CA ASP A 173 -24.76 -13.83 -3.79
C ASP A 173 -24.08 -12.83 -2.87
N ILE A 174 -23.05 -12.15 -3.38
CA ILE A 174 -22.32 -11.16 -2.59
C ILE A 174 -23.20 -10.17 -1.83
N ILE A 175 -24.16 -9.59 -2.53
CA ILE A 175 -24.93 -8.47 -1.99
C ILE A 175 -26.13 -8.67 -1.06
N GLU A 176 -26.81 -9.80 -1.15
CA GLU A 176 -28.02 -10.06 -0.38
C GLU A 176 -27.89 -9.75 1.10
N PRO A 177 -26.80 -10.22 1.71
CA PRO A 177 -26.61 -10.02 3.15
C PRO A 177 -26.35 -8.55 3.52
N LYS A 178 -25.84 -7.76 2.56
CA LYS A 178 -25.62 -6.33 2.82
C LYS A 178 -27.00 -5.66 2.92
N PHE A 179 -27.91 -6.12 2.07
CA PHE A 179 -29.29 -5.63 2.04
C PHE A 179 -30.00 -5.98 3.37
N GLU A 180 -29.80 -7.22 3.81
CA GLU A 180 -30.38 -7.70 5.07
C GLU A 180 -29.82 -6.87 6.22
N PHE A 181 -28.51 -6.74 6.29
CA PHE A 181 -27.93 -5.89 7.31
C PHE A 181 -28.42 -4.42 7.22
N ALA A 182 -28.45 -3.87 6.01
CA ALA A 182 -28.85 -2.46 5.83
C ALA A 182 -30.27 -2.17 6.32
N VAL A 183 -31.22 -3.00 5.95
CA VAL A 183 -32.59 -2.75 6.37
C VAL A 183 -32.76 -2.79 7.89
N LYS A 184 -32.02 -3.66 8.57
CA LYS A 184 -32.07 -3.70 10.03
C LYS A 184 -31.36 -2.50 10.63
N PHE A 185 -30.22 -2.15 10.03
CA PHE A 185 -29.44 -1.02 10.49
C PHE A 185 -30.21 0.29 10.35
N ASN A 186 -30.94 0.43 9.24
CA ASN A 186 -31.69 1.65 8.96
C ASN A 186 -32.87 1.90 9.90
N ALA A 187 -33.32 0.83 10.55
CA ALA A 187 -34.40 0.93 11.54
C ALA A 187 -33.94 1.70 12.77
N LEU A 188 -32.63 1.79 12.97
CA LEU A 188 -32.08 2.55 14.10
C LEU A 188 -32.19 4.06 13.85
N GLU A 189 -32.46 4.44 12.61
CA GLU A 189 -32.63 5.85 12.24
C GLU A 189 -31.49 6.80 12.57
N LEU A 190 -30.26 6.33 12.51
CA LEU A 190 -29.14 7.21 12.80
C LEU A 190 -29.11 8.29 11.73
N ASP A 191 -28.47 9.40 12.04
CA ASP A 191 -28.25 10.43 11.04
C ASP A 191 -26.74 10.57 10.85
N ASP A 192 -26.34 11.39 9.87
CA ASP A 192 -24.93 11.58 9.55
C ASP A 192 -24.05 11.88 10.76
N SER A 193 -24.55 12.72 11.67
CA SER A 193 -23.75 13.07 12.84
C SER A 193 -23.51 11.88 13.77
N ASP A 194 -24.44 10.94 13.83
CA ASP A 194 -24.25 9.72 14.62
C ASP A 194 -23.27 8.79 13.87
N LEU A 195 -23.47 8.67 12.56
CA LEU A 195 -22.65 7.79 11.71
C LEU A 195 -21.19 8.18 11.70
N ALA A 196 -20.92 9.49 11.74
CA ALA A 196 -19.54 9.97 11.71
C ALA A 196 -18.77 9.50 12.94
N LEU A 197 -19.45 9.49 14.09
CA LEU A 197 -18.82 9.00 15.32
C LEU A 197 -18.72 7.49 15.32
N PHE A 198 -19.78 6.83 14.87
CA PHE A 198 -19.82 5.37 14.77
C PHE A 198 -18.65 4.84 13.91
N ILE A 199 -18.37 5.54 12.82
CA ILE A 199 -17.33 5.18 11.85
C ILE A 199 -15.91 5.35 12.43
N ALA A 200 -15.73 6.36 13.27
CA ALA A 200 -14.44 6.56 13.89
C ALA A 200 -14.18 5.49 14.94
N ALA A 201 -15.25 5.07 15.61
CA ALA A 201 -15.20 4.02 16.65
C ALA A 201 -14.88 2.67 16.04
N ILE A 202 -15.37 2.47 14.83
CA ILE A 202 -15.13 1.24 14.11
C ILE A 202 -13.65 1.18 13.72
N ILE A 203 -13.11 2.27 13.20
CA ILE A 203 -11.70 2.29 12.83
C ILE A 203 -10.76 2.22 14.03
N LEU A 204 -11.16 2.82 15.16
CA LEU A 204 -10.28 2.87 16.31
C LEU A 204 -10.56 1.75 17.29
N CYS A 205 -10.72 0.56 16.73
CA CYS A 205 -11.04 -0.63 17.51
C CYS A 205 -9.77 -1.37 18.01
N GLY A 206 -9.70 -1.57 19.32
CA GLY A 206 -8.53 -2.18 19.96
C GLY A 206 -8.43 -3.70 19.85
N ASP A 207 -9.43 -4.33 19.24
CA ASP A 207 -9.45 -5.79 19.09
C ASP A 207 -8.92 -6.33 17.75
N ARG A 208 -8.30 -5.48 16.93
CA ARG A 208 -7.79 -5.96 15.64
C ARG A 208 -6.60 -6.87 15.93
N PRO A 209 -6.25 -7.74 15.00
CA PRO A 209 -5.11 -8.63 15.20
C PRO A 209 -3.80 -7.97 14.81
N GLY A 210 -2.76 -8.20 15.60
CA GLY A 210 -1.43 -7.66 15.33
C GLY A 210 -1.24 -6.22 15.78
N LEU A 211 -2.14 -5.76 16.64
CA LEU A 211 -2.02 -4.40 17.14
C LEU A 211 -0.81 -4.31 18.06
N MET A 212 0.00 -3.27 17.89
CA MET A 212 1.20 -3.09 18.73
C MET A 212 0.91 -2.46 20.10
N ASN A 213 0.47 -1.20 20.08
CA ASN A 213 0.10 -0.51 21.29
C ASN A 213 -1.41 -0.41 21.44
N VAL A 214 -2.04 -1.46 21.92
CA VAL A 214 -3.47 -1.44 22.09
C VAL A 214 -4.03 -0.46 23.15
N PRO A 215 -3.26 -0.15 24.20
CA PRO A 215 -3.76 0.77 25.22
C PRO A 215 -3.89 2.15 24.62
N ARG A 216 -2.97 2.48 23.71
CA ARG A 216 -3.00 3.77 23.04
C ARG A 216 -4.16 3.87 22.05
N VAL A 217 -4.54 2.74 21.46
CA VAL A 217 -5.66 2.69 20.52
C VAL A 217 -6.97 2.83 21.29
N GLU A 218 -7.09 2.07 22.37
CA GLU A 218 -8.27 2.10 23.23
C GLU A 218 -8.46 3.44 23.96
N ALA A 219 -7.38 4.20 24.12
CA ALA A 219 -7.47 5.52 24.73
C ALA A 219 -8.17 6.48 23.78
N ILE A 220 -7.84 6.38 22.49
CA ILE A 220 -8.46 7.26 21.51
C ILE A 220 -9.89 6.80 21.25
N GLN A 221 -10.12 5.48 21.36
CA GLN A 221 -11.45 4.95 21.17
C GLN A 221 -12.42 5.41 22.23
N ASP A 222 -11.98 5.31 23.49
CA ASP A 222 -12.82 5.67 24.63
C ASP A 222 -13.30 7.10 24.52
N THR A 223 -12.43 8.00 24.08
CA THR A 223 -12.83 9.37 23.81
C THR A 223 -13.98 9.42 22.79
N ILE A 224 -13.78 8.78 21.63
CA ILE A 224 -14.82 8.74 20.57
C ILE A 224 -16.10 8.12 21.13
N LEU A 225 -15.96 7.01 21.85
CA LEU A 225 -17.14 6.32 22.38
C LEU A 225 -17.88 7.17 23.42
N ARG A 226 -17.14 7.96 24.19
CA ARG A 226 -17.78 8.85 25.18
C ARG A 226 -18.51 9.95 24.42
N ALA A 227 -17.88 10.48 23.37
CA ALA A 227 -18.50 11.51 22.54
C ALA A 227 -19.77 10.98 21.88
N LEU A 228 -19.77 9.69 21.58
CA LEU A 228 -20.90 9.06 20.90
C LEU A 228 -22.08 8.80 21.82
N GLU A 229 -21.79 8.28 23.01
CA GLU A 229 -22.84 7.96 23.99
C GLU A 229 -23.59 9.22 24.36
N PHE A 230 -22.83 10.28 24.59
CA PHE A 230 -23.41 11.56 24.96
C PHE A 230 -24.18 12.11 23.76
N HIS A 231 -23.58 12.03 22.58
CA HIS A 231 -24.20 12.52 21.37
C HIS A 231 -25.57 11.87 21.11
N LEU A 232 -25.64 10.55 21.27
CA LEU A 232 -26.88 9.81 21.05
C LEU A 232 -27.94 10.16 22.09
N GLN A 233 -27.47 10.52 23.28
CA GLN A 233 -28.37 10.91 24.35
C GLN A 233 -29.10 12.18 23.92
N ALA A 234 -28.35 13.12 23.38
CA ALA A 234 -28.88 14.39 22.93
C ALA A 234 -29.72 14.24 21.66
N ASN A 235 -29.20 13.43 20.73
CA ASN A 235 -29.80 13.29 19.41
C ASN A 235 -30.88 12.21 19.30
N HIS A 236 -31.00 11.38 20.33
CA HIS A 236 -32.06 10.38 20.34
C HIS A 236 -32.63 10.24 21.74
N PRO A 237 -33.24 11.32 22.23
CA PRO A 237 -33.76 11.39 23.60
C PRO A 237 -34.78 10.33 23.97
N ASP A 238 -35.67 10.00 23.03
CA ASP A 238 -36.70 9.00 23.30
C ASP A 238 -36.29 7.59 22.86
N ALA A 239 -34.99 7.38 22.71
CA ALA A 239 -34.47 6.08 22.30
C ALA A 239 -33.44 5.59 23.32
N GLN A 240 -33.92 4.93 24.36
CA GLN A 240 -33.08 4.48 25.46
C GLN A 240 -31.89 3.58 25.17
N TYR A 241 -32.11 2.44 24.52
CA TYR A 241 -31.02 1.49 24.38
C TYR A 241 -30.18 1.52 23.12
N LEU A 242 -30.19 2.69 22.48
CA LEU A 242 -29.47 2.94 21.23
C LEU A 242 -27.95 2.80 21.25
N PHE A 243 -27.30 3.32 22.29
CA PHE A 243 -25.82 3.26 22.34
C PHE A 243 -25.24 1.84 22.29
N PRO A 244 -25.74 0.97 23.16
CA PRO A 244 -25.22 -0.39 23.20
C PRO A 244 -25.66 -1.13 21.95
N LYS A 245 -26.84 -0.75 21.44
CA LYS A 245 -27.38 -1.36 20.22
C LYS A 245 -26.40 -1.07 19.08
N LEU A 246 -25.76 0.08 19.16
CA LEU A 246 -24.77 0.49 18.16
C LEU A 246 -23.48 -0.32 18.26
N LEU A 247 -23.01 -0.52 19.48
CA LEU A 247 -21.84 -1.34 19.72
C LEU A 247 -22.09 -2.79 19.24
N GLN A 248 -23.34 -3.22 19.28
CA GLN A 248 -23.69 -4.58 18.85
C GLN A 248 -23.63 -4.64 17.32
N LYS A 249 -24.06 -3.56 16.65
CA LYS A 249 -24.01 -3.53 15.19
C LYS A 249 -22.57 -3.70 14.76
N MET A 250 -21.66 -3.17 15.55
CA MET A 250 -20.24 -3.30 15.26
C MET A 250 -19.90 -4.79 15.21
N ALA A 251 -20.52 -5.56 16.10
CA ALA A 251 -20.29 -7.00 16.13
C ALA A 251 -20.85 -7.60 14.83
N ASP A 252 -22.00 -7.09 14.41
CA ASP A 252 -22.65 -7.57 13.19
C ASP A 252 -21.80 -7.28 11.95
N LEU A 253 -21.25 -6.08 11.88
CA LEU A 253 -20.45 -5.70 10.74
C LEU A 253 -19.21 -6.56 10.60
N ARG A 254 -18.67 -7.00 11.73
CA ARG A 254 -17.46 -7.81 11.73
C ARG A 254 -17.70 -9.20 11.12
N GLN A 255 -18.85 -9.77 11.42
CA GLN A 255 -19.27 -11.03 10.86
C GLN A 255 -19.58 -10.85 9.36
N LEU A 256 -20.25 -9.74 9.05
CA LEU A 256 -20.60 -9.41 7.66
C LEU A 256 -19.33 -9.36 6.83
N VAL A 257 -18.32 -8.73 7.38
CA VAL A 257 -17.04 -8.57 6.72
C VAL A 257 -16.23 -9.86 6.59
N THR A 258 -16.41 -10.77 7.54
CA THR A 258 -15.70 -12.04 7.51
C THR A 258 -16.30 -12.89 6.41
N GLU A 259 -17.62 -12.85 6.30
CA GLU A 259 -18.33 -13.56 5.25
C GLU A 259 -17.91 -13.00 3.89
N HIS A 260 -18.00 -11.66 3.77
CA HIS A 260 -17.67 -11.00 2.52
C HIS A 260 -16.29 -11.40 2.03
N ALA A 261 -15.32 -11.42 2.95
CA ALA A 261 -13.95 -11.82 2.62
C ALA A 261 -13.87 -13.26 2.07
N GLN A 262 -14.58 -14.18 2.71
CA GLN A 262 -14.62 -15.58 2.26
C GLN A 262 -15.25 -15.67 0.86
N MET A 263 -16.31 -14.90 0.63
CA MET A 263 -16.94 -14.90 -0.69
C MET A 263 -15.93 -14.46 -1.75
N MET A 264 -15.15 -13.43 -1.43
CA MET A 264 -14.15 -12.93 -2.37
C MET A 264 -13.07 -13.96 -2.65
N GLN A 265 -12.66 -14.69 -1.61
CA GLN A 265 -11.61 -15.69 -1.74
C GLN A 265 -12.03 -16.84 -2.65
N ARG A 266 -13.28 -17.19 -2.59
CA ARG A 266 -13.82 -18.26 -3.42
C ARG A 266 -13.97 -17.81 -4.88
N ILE A 267 -14.41 -16.57 -5.07
CA ILE A 267 -14.55 -16.03 -6.42
C ILE A 267 -13.16 -15.96 -7.01
N LYS A 268 -12.21 -15.54 -6.20
CA LYS A 268 -10.81 -15.46 -6.63
C LYS A 268 -10.31 -16.81 -7.16
N LYS A 269 -10.71 -17.88 -6.49
CA LYS A 269 -10.22 -19.19 -6.86
C LYS A 269 -11.08 -19.83 -7.95
N THR A 270 -12.36 -19.49 -7.95
CA THR A 270 -13.34 -20.05 -8.87
C THR A 270 -13.54 -19.29 -10.20
N GLU A 271 -13.26 -17.98 -10.20
CA GLU A 271 -13.45 -17.15 -11.40
C GLU A 271 -12.12 -16.67 -11.93
N THR A 272 -11.48 -17.49 -12.77
CA THR A 272 -10.17 -17.18 -13.34
C THR A 272 -10.11 -15.93 -14.23
N GLU A 273 -11.23 -15.57 -14.86
CA GLU A 273 -11.27 -14.37 -15.69
C GLU A 273 -11.63 -13.13 -14.87
N THR A 274 -11.40 -13.20 -13.57
CA THR A 274 -11.65 -12.05 -12.69
C THR A 274 -10.46 -11.86 -11.77
N SER A 275 -10.26 -10.63 -11.33
CA SER A 275 -9.12 -10.33 -10.48
C SER A 275 -9.46 -9.25 -9.47
N LEU A 276 -8.81 -9.33 -8.32
CA LEU A 276 -9.05 -8.38 -7.24
C LEU A 276 -8.05 -7.25 -7.36
N HIS A 277 -8.53 -6.02 -7.20
CA HIS A 277 -7.66 -4.87 -7.20
C HIS A 277 -6.56 -5.09 -6.14
N PRO A 278 -5.36 -4.61 -6.42
CA PRO A 278 -4.19 -4.82 -5.54
C PRO A 278 -4.43 -4.46 -4.06
N LEU A 279 -4.98 -3.28 -3.81
CA LEU A 279 -5.24 -2.80 -2.46
C LEU A 279 -6.30 -3.65 -1.75
N LEU A 280 -7.22 -4.24 -2.52
CA LEU A 280 -8.28 -5.07 -1.96
C LEU A 280 -7.81 -6.50 -1.72
N GLN A 281 -6.93 -6.96 -2.59
CA GLN A 281 -6.32 -8.28 -2.41
C GLN A 281 -5.53 -8.26 -1.10
N GLU A 282 -4.87 -7.14 -0.84
CA GLU A 282 -4.07 -6.94 0.35
C GLU A 282 -4.87 -6.86 1.65
N ILE A 283 -6.20 -6.78 1.53
CA ILE A 283 -7.08 -6.65 2.70
C ILE A 283 -7.82 -7.96 2.94
N TYR A 284 -8.38 -8.52 1.88
CA TYR A 284 -9.12 -9.77 1.97
C TYR A 284 -8.14 -10.90 2.28
N LYS A 285 -6.88 -10.67 1.94
CA LYS A 285 -5.82 -11.66 2.09
C LYS A 285 -5.55 -12.02 3.54
N ASP A 286 -5.05 -11.05 4.29
CA ASP A 286 -4.69 -11.26 5.68
C ASP A 286 -5.84 -11.57 6.62
N MET A 287 -7.07 -11.26 6.20
CA MET A 287 -8.24 -11.52 7.03
C MET A 287 -9.10 -12.64 6.46
N ALA B 20 19.13 3.57 -32.62
CA ALA B 20 19.00 5.01 -32.40
C ALA B 20 17.82 5.32 -31.49
N ASP B 21 16.76 4.53 -31.64
CA ASP B 21 15.57 4.68 -30.81
C ASP B 21 15.96 4.22 -29.40
N LEU B 22 16.64 3.09 -29.32
CA LEU B 22 17.10 2.55 -28.05
C LEU B 22 18.01 3.55 -27.34
N LYS B 23 18.69 4.38 -28.12
CA LYS B 23 19.58 5.40 -27.58
C LYS B 23 18.79 6.47 -26.84
N ALA B 24 17.70 6.92 -27.47
CA ALA B 24 16.85 7.94 -26.88
C ALA B 24 16.02 7.36 -25.75
N PHE B 25 15.79 6.04 -25.83
CA PHE B 25 15.04 5.33 -24.81
C PHE B 25 15.93 5.20 -23.59
N SER B 26 17.16 4.74 -23.82
CA SER B 26 18.13 4.56 -22.76
C SER B 26 18.41 5.86 -22.02
N LYS B 27 18.58 6.95 -22.76
CA LYS B 27 18.84 8.25 -22.14
C LYS B 27 17.65 8.71 -21.31
N HIS B 28 16.47 8.28 -21.72
CA HIS B 28 15.24 8.62 -21.02
C HIS B 28 15.23 7.93 -19.65
N ILE B 29 15.65 6.68 -19.65
CA ILE B 29 15.69 5.86 -18.45
C ILE B 29 16.79 6.42 -17.56
N TYR B 30 17.89 6.81 -18.19
CA TYR B 30 19.01 7.39 -17.48
C TYR B 30 18.61 8.68 -16.76
N ASN B 31 17.84 9.52 -17.45
CA ASN B 31 17.40 10.79 -16.88
C ASN B 31 16.54 10.52 -15.65
N ALA B 32 15.60 9.59 -15.80
CA ALA B 32 14.70 9.19 -14.73
C ALA B 32 15.46 8.69 -13.50
N TYR B 33 16.65 8.16 -13.72
CA TYR B 33 17.50 7.63 -12.66
C TYR B 33 18.24 8.76 -11.97
N LEU B 34 18.68 9.74 -12.75
CA LEU B 34 19.34 10.92 -12.19
C LEU B 34 18.32 11.77 -11.45
N LYS B 35 17.08 11.75 -11.93
CA LYS B 35 16.02 12.53 -11.32
C LYS B 35 15.45 11.87 -10.07
N ASN B 36 15.68 10.57 -9.92
CA ASN B 36 15.10 9.84 -8.79
C ASN B 36 16.03 9.44 -7.66
N PHE B 37 17.33 9.37 -7.94
CA PHE B 37 18.28 8.97 -6.90
C PHE B 37 19.35 10.00 -6.62
N ASN B 38 19.53 10.31 -5.34
CA ASN B 38 20.51 11.31 -4.90
C ASN B 38 21.96 10.86 -4.97
N MET B 39 22.28 9.71 -4.40
CA MET B 39 23.65 9.22 -4.44
C MET B 39 23.90 8.49 -5.75
N THR B 40 24.69 9.10 -6.62
CA THR B 40 25.07 8.48 -7.89
C THR B 40 26.42 7.83 -7.67
N LYS B 41 26.77 6.85 -8.49
CA LYS B 41 28.06 6.17 -8.34
C LYS B 41 29.20 7.15 -8.57
N LYS B 42 28.90 8.22 -9.30
CA LYS B 42 29.87 9.27 -9.59
C LYS B 42 30.28 10.02 -8.30
N LYS B 43 29.29 10.59 -7.65
CA LYS B 43 29.50 11.32 -6.41
C LYS B 43 30.16 10.43 -5.36
N ALA B 44 29.58 9.24 -5.18
CA ALA B 44 30.08 8.27 -4.21
C ALA B 44 31.54 7.91 -4.45
N ARG B 45 31.87 7.60 -5.70
CA ARG B 45 33.23 7.20 -6.06
C ARG B 45 34.24 8.33 -5.83
N SER B 46 33.83 9.56 -6.12
CA SER B 46 34.70 10.71 -5.92
C SER B 46 34.98 11.00 -4.46
N ILE B 47 34.08 10.57 -3.57
CA ILE B 47 34.28 10.77 -2.14
C ILE B 47 35.18 9.69 -1.56
N LEU B 48 34.86 8.44 -1.87
CA LEU B 48 35.64 7.31 -1.35
C LEU B 48 37.11 7.41 -1.77
N THR B 49 37.34 7.93 -2.97
CA THR B 49 38.69 8.11 -3.49
C THR B 49 39.35 9.38 -2.93
N GLY B 50 38.79 10.53 -3.27
CA GLY B 50 39.33 11.81 -2.82
C GLY B 50 39.34 12.84 -3.95
N THR B 55 34.18 16.20 0.22
CA THR B 55 34.74 16.35 1.56
C THR B 55 35.02 14.99 2.19
N ALA B 56 35.80 14.98 3.26
CA ALA B 56 36.07 13.76 4.00
C ALA B 56 34.82 13.31 4.76
N PRO B 57 34.55 12.00 4.73
CA PRO B 57 33.39 11.48 5.43
C PRO B 57 33.74 11.12 6.88
N PHE B 58 32.89 11.56 7.81
CA PHE B 58 33.11 11.27 9.22
C PHE B 58 33.09 9.76 9.41
N VAL B 59 34.22 9.19 9.85
CA VAL B 59 34.33 7.73 10.01
C VAL B 59 33.68 7.15 11.27
N ILE B 60 32.59 6.40 11.09
CA ILE B 60 31.90 5.76 12.20
C ILE B 60 32.43 4.35 12.40
N HIS B 61 33.11 4.11 13.53
CA HIS B 61 33.68 2.80 13.79
C HIS B 61 33.40 2.31 15.21
N ASP B 62 32.65 3.09 15.98
CA ASP B 62 32.27 2.70 17.33
C ASP B 62 30.99 3.40 17.79
N ILE B 63 30.44 2.93 18.90
CA ILE B 63 29.21 3.52 19.44
C ILE B 63 29.46 5.00 19.71
N GLU B 64 30.71 5.33 20.01
CA GLU B 64 31.11 6.69 20.31
C GLU B 64 31.09 7.58 19.08
N THR B 65 31.74 7.13 18.01
CA THR B 65 31.75 7.89 16.76
C THR B 65 30.34 7.96 16.18
N LEU B 66 29.59 6.86 16.31
CA LEU B 66 28.21 6.84 15.83
C LEU B 66 27.35 7.89 16.53
N TRP B 67 27.41 7.91 17.85
CA TRP B 67 26.64 8.86 18.65
C TRP B 67 26.99 10.29 18.23
N GLN B 68 28.29 10.55 18.03
CA GLN B 68 28.73 11.86 17.60
C GLN B 68 28.10 12.22 16.25
N ALA B 69 28.29 11.35 15.26
CA ALA B 69 27.74 11.57 13.92
C ALA B 69 26.24 11.85 13.94
N GLU B 70 25.54 11.18 14.84
CA GLU B 70 24.09 11.36 14.93
C GLU B 70 23.73 12.73 15.47
N LYS B 71 24.73 13.42 16.04
CA LYS B 71 24.50 14.73 16.66
C LYS B 71 24.77 15.90 15.69
N GLY B 72 23.97 15.96 14.63
CA GLY B 72 24.08 17.04 13.65
C GLY B 72 25.32 16.95 12.79
N LEU B 73 26.43 16.54 13.42
CA LEU B 73 27.72 16.43 12.74
C LEU B 73 27.56 15.77 11.38
N VAL B 74 26.55 14.92 11.27
CA VAL B 74 26.27 14.20 10.04
C VAL B 74 24.78 13.91 9.95
N TRP B 75 24.07 14.15 11.06
CA TRP B 75 22.65 13.91 11.11
C TRP B 75 21.92 15.01 11.87
N GLY B 81 15.13 10.63 15.17
CA GLY B 81 13.76 10.60 14.67
C GLY B 81 13.28 9.16 14.67
N LEU B 82 14.22 8.24 14.88
CA LEU B 82 13.93 6.81 14.92
C LEU B 82 13.38 6.41 16.29
N PRO B 83 12.91 5.17 16.40
CA PRO B 83 12.40 4.68 17.68
C PRO B 83 13.48 4.89 18.76
N PRO B 84 13.07 5.46 19.89
CA PRO B 84 14.01 5.71 20.98
C PRO B 84 14.12 4.47 21.84
N TYR B 85 15.10 4.45 22.73
CA TYR B 85 15.26 3.35 23.70
C TYR B 85 15.50 2.04 22.98
N LYS B 86 16.45 2.08 22.06
CA LYS B 86 16.79 0.90 21.28
C LYS B 86 18.27 0.62 21.45
N GLU B 87 18.59 -0.65 21.69
CA GLU B 87 19.98 -1.08 21.78
C GLU B 87 20.64 -0.82 20.43
N ILE B 88 21.93 -0.48 20.44
CA ILE B 88 22.67 -0.12 19.23
C ILE B 88 22.38 -0.96 17.96
N SER B 89 22.40 -2.27 18.09
CA SER B 89 22.17 -3.17 16.97
C SER B 89 20.79 -2.97 16.35
N VAL B 90 19.78 -2.82 17.20
CA VAL B 90 18.40 -2.67 16.76
C VAL B 90 18.21 -1.26 16.20
N HIS B 91 18.97 -0.34 16.75
CA HIS B 91 18.89 1.04 16.35
C HIS B 91 19.43 1.22 14.93
N VAL B 92 20.61 0.66 14.67
CA VAL B 92 21.23 0.73 13.35
C VAL B 92 20.33 0.02 12.34
N PHE B 93 19.70 -1.06 12.81
CA PHE B 93 18.73 -1.84 12.05
C PHE B 93 17.54 -0.96 11.62
N TYR B 94 17.11 -0.06 12.50
CA TYR B 94 16.01 0.85 12.20
C TYR B 94 16.44 1.96 11.27
N ARG B 95 17.68 2.41 11.41
CA ARG B 95 18.25 3.38 10.48
C ARG B 95 18.19 2.78 9.06
N CYS B 96 18.75 1.58 8.90
CA CYS B 96 18.75 0.90 7.60
C CYS B 96 17.34 0.76 7.01
N GLN B 97 16.39 0.38 7.84
CA GLN B 97 15.00 0.23 7.43
C GLN B 97 14.43 1.54 6.91
N CYS B 98 14.91 2.65 7.47
CA CYS B 98 14.43 3.96 7.06
C CYS B 98 14.92 4.26 5.66
N THR B 99 16.20 4.02 5.41
CA THR B 99 16.78 4.22 4.08
C THR B 99 16.16 3.27 3.03
N THR B 100 15.88 2.03 3.43
CA THR B 100 15.25 1.07 2.54
C THR B 100 13.89 1.58 2.07
N VAL B 101 13.05 2.00 3.01
CA VAL B 101 11.73 2.52 2.70
C VAL B 101 11.83 3.67 1.71
N GLU B 102 12.75 4.59 1.94
CA GLU B 102 12.95 5.73 1.06
C GLU B 102 13.39 5.37 -0.37
N THR B 103 14.25 4.36 -0.48
CA THR B 103 14.73 3.91 -1.79
C THR B 103 13.62 3.17 -2.52
N VAL B 104 12.82 2.39 -1.78
CA VAL B 104 11.70 1.67 -2.37
C VAL B 104 10.73 2.68 -3.01
N ARG B 105 10.46 3.78 -2.30
CA ARG B 105 9.61 4.84 -2.82
C ARG B 105 10.23 5.54 -4.04
N GLU B 106 11.55 5.69 -4.03
CA GLU B 106 12.25 6.30 -5.17
C GLU B 106 12.20 5.40 -6.40
N LEU B 107 12.27 4.08 -6.17
CA LEU B 107 12.24 3.10 -7.26
C LEU B 107 10.85 3.00 -7.86
N THR B 108 9.84 3.24 -7.04
CA THR B 108 8.46 3.20 -7.47
C THR B 108 8.23 4.36 -8.45
N GLU B 109 8.84 5.50 -8.13
CA GLU B 109 8.76 6.69 -8.97
C GLU B 109 9.57 6.48 -10.23
N PHE B 110 10.78 5.93 -10.07
CA PHE B 110 11.65 5.61 -11.18
C PHE B 110 10.98 4.67 -12.19
N ALA B 111 10.33 3.62 -11.68
CA ALA B 111 9.63 2.67 -12.55
C ALA B 111 8.60 3.39 -13.38
N LYS B 112 7.84 4.25 -12.72
CA LYS B 112 6.77 4.99 -13.37
C LYS B 112 7.26 5.74 -14.60
N SER B 113 8.55 6.04 -14.62
CA SER B 113 9.15 6.71 -15.76
C SER B 113 9.62 5.74 -16.85
N ILE B 114 9.38 4.45 -16.65
CA ILE B 114 9.77 3.47 -17.67
C ILE B 114 8.63 3.27 -18.67
N PRO B 115 8.92 3.63 -19.92
CA PRO B 115 7.94 3.54 -21.01
C PRO B 115 7.18 2.24 -20.99
N SER B 116 5.86 2.35 -20.88
CA SER B 116 4.97 1.20 -20.88
C SER B 116 4.80 0.50 -19.54
N PHE B 117 5.60 0.90 -18.56
CA PHE B 117 5.47 0.30 -17.23
C PHE B 117 4.10 0.68 -16.66
N SER B 118 3.79 1.98 -16.74
CA SER B 118 2.50 2.50 -16.27
C SER B 118 1.29 1.97 -17.02
N SER B 119 1.50 1.37 -18.20
CA SER B 119 0.38 0.85 -18.99
C SER B 119 0.03 -0.58 -18.62
N LEU B 120 0.89 -1.20 -17.82
CA LEU B 120 0.65 -2.56 -17.36
C LEU B 120 -0.47 -2.54 -16.34
N PHE B 121 -1.14 -3.66 -16.16
CA PHE B 121 -2.18 -3.80 -15.15
C PHE B 121 -1.58 -3.46 -13.78
N LEU B 122 -2.34 -2.75 -12.96
CA LEU B 122 -1.87 -2.32 -11.63
C LEU B 122 -1.30 -3.48 -10.81
N ASN B 123 -1.93 -4.64 -10.87
CA ASN B 123 -1.46 -5.85 -10.20
C ASN B 123 -0.04 -6.18 -10.62
N ASP B 124 0.22 -6.12 -11.93
CA ASP B 124 1.53 -6.47 -12.45
C ASP B 124 2.58 -5.46 -12.05
N GLN B 125 2.21 -4.19 -12.03
CA GLN B 125 3.12 -3.14 -11.58
C GLN B 125 3.52 -3.34 -10.12
N VAL B 126 2.56 -3.74 -9.30
CA VAL B 126 2.80 -3.99 -7.88
C VAL B 126 3.65 -5.24 -7.71
N THR B 127 3.30 -6.29 -8.42
CA THR B 127 4.05 -7.54 -8.39
C THR B 127 5.49 -7.29 -8.82
N LEU B 128 5.67 -6.48 -9.86
CA LEU B 128 6.99 -6.17 -10.34
C LEU B 128 7.84 -5.41 -9.32
N LEU B 129 7.24 -4.44 -8.65
CA LEU B 129 7.98 -3.66 -7.66
C LEU B 129 8.24 -4.47 -6.42
N LYS B 130 7.22 -5.19 -5.97
CA LYS B 130 7.32 -6.02 -4.79
C LYS B 130 8.47 -7.04 -4.87
N TYR B 131 8.60 -7.69 -6.02
CA TYR B 131 9.65 -8.67 -6.21
C TYR B 131 10.97 -8.11 -6.72
N GLY B 132 10.95 -6.92 -7.31
CA GLY B 132 12.17 -6.36 -7.87
C GLY B 132 12.91 -5.29 -7.09
N VAL B 133 12.21 -4.54 -6.22
CA VAL B 133 12.87 -3.42 -5.52
C VAL B 133 14.14 -3.79 -4.75
N HIS B 134 14.13 -4.90 -4.02
CA HIS B 134 15.33 -5.24 -3.25
C HIS B 134 16.52 -5.61 -4.14
N GLU B 135 16.27 -6.27 -5.26
CA GLU B 135 17.35 -6.57 -6.19
C GLU B 135 17.95 -5.27 -6.68
N ALA B 136 17.09 -4.32 -7.03
CA ALA B 136 17.58 -3.02 -7.50
C ALA B 136 18.35 -2.29 -6.38
N ILE B 137 17.80 -2.28 -5.18
CA ILE B 137 18.46 -1.61 -4.05
C ILE B 137 19.86 -2.16 -3.81
N PHE B 138 20.00 -3.49 -3.82
CA PHE B 138 21.32 -4.09 -3.63
C PHE B 138 22.32 -3.80 -4.76
N ALA B 139 21.81 -3.71 -5.99
CA ALA B 139 22.69 -3.36 -7.11
C ALA B 139 23.21 -1.93 -6.94
N MET B 140 22.36 -1.02 -6.45
CA MET B 140 22.76 0.38 -6.23
C MET B 140 23.60 0.61 -4.97
N LEU B 141 23.37 -0.22 -3.96
CA LEU B 141 24.11 -0.14 -2.69
C LEU B 141 25.60 -0.34 -2.98
N ALA B 142 25.91 -1.12 -4.00
CA ALA B 142 27.29 -1.39 -4.36
C ALA B 142 28.07 -0.13 -4.71
N SER B 143 27.36 0.87 -5.25
CA SER B 143 27.96 2.15 -5.62
C SER B 143 28.64 2.90 -4.47
N ILE B 144 28.05 2.84 -3.28
CA ILE B 144 28.57 3.53 -2.11
C ILE B 144 29.27 2.60 -1.16
N VAL B 145 29.70 1.45 -1.66
CA VAL B 145 30.33 0.43 -0.82
C VAL B 145 31.72 0.04 -1.30
N ASN B 146 32.65 -0.10 -0.36
CA ASN B 146 33.94 -0.69 -0.67
C ASN B 146 34.20 -1.79 0.33
N LYS B 147 35.32 -2.49 0.18
CA LYS B 147 35.63 -3.61 1.08
C LYS B 147 35.75 -3.21 2.54
N ASP B 148 35.90 -1.91 2.81
CA ASP B 148 36.12 -1.39 4.19
C ASP B 148 34.88 -0.85 4.88
N GLY B 149 33.90 -0.39 4.11
CA GLY B 149 32.70 0.20 4.67
C GLY B 149 31.86 0.85 3.59
N LEU B 150 30.85 1.59 3.98
CA LEU B 150 29.98 2.19 2.99
C LEU B 150 29.69 3.62 3.40
N LEU B 151 29.35 4.44 2.41
CA LEU B 151 29.00 5.82 2.70
C LEU B 151 27.56 5.87 3.16
N VAL B 152 27.27 6.79 4.08
CA VAL B 152 25.93 7.02 4.58
C VAL B 152 25.73 8.52 4.72
N ALA B 153 24.50 8.93 5.03
CA ALA B 153 24.18 10.34 5.20
C ALA B 153 24.54 11.12 3.93
N ASN B 154 24.30 10.51 2.77
CA ASN B 154 24.58 11.15 1.49
C ASN B 154 26.04 11.46 1.25
N GLY B 155 26.94 10.62 1.76
CA GLY B 155 28.36 10.85 1.55
C GLY B 155 29.02 11.52 2.75
N SER B 156 28.22 12.10 3.64
CA SER B 156 28.79 12.77 4.82
C SER B 156 29.43 11.84 5.84
N GLY B 157 28.97 10.59 5.88
CA GLY B 157 29.52 9.64 6.84
C GLY B 157 29.97 8.37 6.13
N PHE B 158 30.74 7.56 6.85
CA PHE B 158 31.24 6.30 6.32
C PHE B 158 31.28 5.30 7.47
N VAL B 159 30.41 4.30 7.44
CA VAL B 159 30.38 3.28 8.48
C VAL B 159 31.33 2.15 8.10
N THR B 160 32.22 1.82 9.01
CA THR B 160 33.20 0.79 8.75
C THR B 160 32.57 -0.58 8.81
N ARG B 161 33.08 -1.47 7.98
CA ARG B 161 32.59 -2.84 7.90
C ARG B 161 32.85 -3.54 9.22
N GLU B 162 34.00 -3.24 9.80
CA GLU B 162 34.41 -3.86 11.04
C GLU B 162 33.46 -3.48 12.16
N PHE B 163 33.06 -2.22 12.19
CA PHE B 163 32.11 -1.77 13.19
C PHE B 163 30.82 -2.60 13.07
N LEU B 164 30.34 -2.74 11.85
CA LEU B 164 29.10 -3.47 11.64
C LEU B 164 29.24 -4.92 12.08
N ARG B 165 30.46 -5.45 11.96
CA ARG B 165 30.75 -6.83 12.38
C ARG B 165 30.67 -6.94 13.90
N SER B 166 30.86 -5.80 14.56
CA SER B 166 30.84 -5.71 16.01
C SER B 166 29.45 -5.77 16.65
N LEU B 167 28.40 -5.72 15.82
CA LEU B 167 27.03 -5.76 16.33
C LEU B 167 26.55 -7.17 16.71
N ARG B 168 25.40 -7.24 17.36
CA ARG B 168 24.80 -8.52 17.77
C ARG B 168 24.60 -9.47 16.60
N LYS B 169 24.87 -10.75 16.86
CA LYS B 169 24.81 -11.83 15.87
C LYS B 169 23.74 -11.81 14.78
N PRO B 170 22.47 -11.62 15.15
CA PRO B 170 21.43 -11.66 14.13
C PRO B 170 21.62 -10.49 13.16
N PHE B 171 21.85 -9.31 13.73
CA PHE B 171 21.95 -8.08 12.96
C PHE B 171 23.23 -7.94 12.16
N SER B 172 24.34 -8.38 12.73
CA SER B 172 25.61 -8.34 12.02
C SER B 172 25.58 -9.19 10.73
N ASP B 173 24.89 -10.33 10.79
CA ASP B 173 24.87 -11.25 9.65
C ASP B 173 24.14 -10.73 8.40
N ILE B 174 23.29 -9.73 8.60
CA ILE B 174 22.48 -9.19 7.52
C ILE B 174 23.30 -8.57 6.40
N ILE B 175 24.23 -7.72 6.77
CA ILE B 175 24.97 -6.92 5.80
C ILE B 175 26.21 -7.55 5.12
N GLU B 176 26.84 -8.49 5.79
CA GLU B 176 28.06 -9.11 5.26
C GLU B 176 27.93 -9.56 3.81
N PRO B 177 26.87 -10.30 3.49
CA PRO B 177 26.71 -10.82 2.15
C PRO B 177 26.49 -9.73 1.10
N LYS B 178 26.14 -8.53 1.56
CA LYS B 178 25.99 -7.40 0.65
C LYS B 178 27.37 -6.81 0.37
N PHE B 179 28.27 -6.93 1.34
CA PHE B 179 29.64 -6.45 1.16
C PHE B 179 30.34 -7.31 0.10
N GLU B 180 30.05 -8.61 0.13
CA GLU B 180 30.67 -9.55 -0.79
C GLU B 180 30.10 -9.46 -2.19
N PHE B 181 28.79 -9.27 -2.29
CA PHE B 181 28.19 -9.10 -3.61
C PHE B 181 28.74 -7.83 -4.23
N ALA B 182 28.75 -6.75 -3.44
CA ALA B 182 29.19 -5.43 -3.91
C ALA B 182 30.63 -5.38 -4.42
N VAL B 183 31.58 -5.90 -3.64
CA VAL B 183 32.98 -5.92 -4.08
C VAL B 183 33.12 -6.54 -5.49
N LYS B 184 32.59 -7.75 -5.65
CA LYS B 184 32.62 -8.42 -6.97
C LYS B 184 31.92 -7.58 -8.05
N PHE B 185 30.73 -7.09 -7.71
CA PHE B 185 29.94 -6.29 -8.64
C PHE B 185 30.67 -5.02 -9.08
N ASN B 186 31.31 -4.36 -8.14
CA ASN B 186 32.04 -3.13 -8.45
C ASN B 186 33.23 -3.42 -9.36
N ALA B 187 33.61 -4.69 -9.45
CA ALA B 187 34.72 -5.07 -10.33
C ALA B 187 34.29 -4.87 -11.78
N LEU B 188 32.98 -4.87 -12.02
CA LEU B 188 32.46 -4.66 -13.38
C LEU B 188 32.57 -3.20 -13.81
N GLU B 189 32.95 -2.34 -12.88
CA GLU B 189 33.12 -0.92 -13.14
C GLU B 189 32.04 -0.21 -13.94
N LEU B 190 30.80 -0.66 -13.81
CA LEU B 190 29.69 0.02 -14.46
C LEU B 190 29.65 1.47 -14.00
N ASP B 191 28.85 2.28 -14.67
CA ASP B 191 28.66 3.66 -14.26
C ASP B 191 27.17 3.92 -14.18
N ASP B 192 26.80 5.15 -13.89
CA ASP B 192 25.41 5.51 -13.72
C ASP B 192 24.45 5.24 -14.89
N SER B 193 24.94 5.38 -16.11
CA SER B 193 24.07 5.12 -17.27
C SER B 193 23.85 3.63 -17.49
N ASP B 194 24.85 2.82 -17.13
CA ASP B 194 24.71 1.38 -17.26
C ASP B 194 23.68 0.97 -16.21
N LEU B 195 23.97 1.36 -14.97
CA LEU B 195 23.14 1.05 -13.82
C LEU B 195 21.68 1.37 -14.04
N ALA B 196 21.41 2.53 -14.60
CA ALA B 196 20.04 2.96 -14.88
C ALA B 196 19.26 1.92 -15.68
N LEU B 197 19.93 1.32 -16.66
CA LEU B 197 19.30 0.31 -17.50
C LEU B 197 19.23 -1.03 -16.78
N PHE B 198 20.30 -1.35 -16.07
CA PHE B 198 20.33 -2.58 -15.27
C PHE B 198 19.14 -2.57 -14.28
N ILE B 199 18.93 -1.45 -13.60
CA ILE B 199 17.79 -1.36 -12.66
C ILE B 199 16.44 -1.55 -13.35
N ALA B 200 16.26 -0.91 -14.51
CA ALA B 200 15.01 -1.04 -15.26
C ALA B 200 14.75 -2.48 -15.66
N ALA B 201 15.82 -3.15 -16.11
CA ALA B 201 15.77 -4.55 -16.54
C ALA B 201 15.45 -5.48 -15.37
N ILE B 202 15.97 -5.14 -14.20
CA ILE B 202 15.66 -5.93 -13.00
C ILE B 202 14.17 -5.83 -12.68
N ILE B 203 13.64 -4.60 -12.70
CA ILE B 203 12.24 -4.37 -12.37
C ILE B 203 11.29 -5.07 -13.34
N LEU B 204 11.65 -5.05 -14.62
CA LEU B 204 10.82 -5.67 -15.64
C LEU B 204 11.11 -7.16 -15.87
N CYS B 205 11.18 -7.90 -14.77
CA CYS B 205 11.40 -9.32 -14.86
C CYS B 205 10.06 -10.02 -15.04
N GLY B 206 9.97 -10.86 -16.07
CA GLY B 206 8.71 -11.53 -16.40
C GLY B 206 8.51 -12.84 -15.65
N ASP B 207 9.43 -13.17 -14.75
CA ASP B 207 9.37 -14.42 -14.01
C ASP B 207 8.87 -14.29 -12.58
N ARG B 208 8.41 -13.11 -12.20
CA ARG B 208 7.92 -12.91 -10.84
C ARG B 208 6.67 -13.73 -10.62
N PRO B 209 6.53 -14.26 -9.42
CA PRO B 209 5.35 -15.07 -9.08
C PRO B 209 4.08 -14.21 -9.15
N GLY B 210 3.02 -14.77 -9.75
CA GLY B 210 1.73 -14.10 -9.81
C GLY B 210 1.48 -13.10 -10.95
N LEU B 211 2.42 -12.99 -11.89
CA LEU B 211 2.26 -12.08 -13.02
C LEU B 211 1.00 -12.40 -13.82
N MET B 212 0.32 -11.35 -14.30
CA MET B 212 -0.94 -11.51 -15.04
C MET B 212 -0.73 -11.52 -16.55
N ASN B 213 -0.02 -10.52 -17.05
CA ASN B 213 0.28 -10.46 -18.46
C ASN B 213 1.78 -10.49 -18.63
N VAL B 214 2.36 -11.68 -18.60
CA VAL B 214 3.81 -11.79 -18.72
C VAL B 214 4.42 -11.46 -20.08
N PRO B 215 3.67 -11.72 -21.15
CA PRO B 215 4.18 -11.45 -22.50
C PRO B 215 4.43 -9.97 -22.68
N ARG B 216 3.55 -9.16 -22.10
CA ARG B 216 3.66 -7.71 -22.16
C ARG B 216 4.85 -7.23 -21.31
N VAL B 217 5.16 -7.97 -20.24
CA VAL B 217 6.29 -7.62 -19.38
C VAL B 217 7.57 -8.00 -20.08
N GLU B 218 7.58 -9.20 -20.65
CA GLU B 218 8.73 -9.68 -21.40
C GLU B 218 9.02 -8.73 -22.56
N ALA B 219 7.97 -8.24 -23.20
CA ALA B 219 8.11 -7.32 -24.30
C ALA B 219 8.88 -6.06 -23.94
N ILE B 220 8.57 -5.50 -22.77
CA ILE B 220 9.25 -4.29 -22.33
C ILE B 220 10.67 -4.60 -21.87
N GLN B 221 10.86 -5.74 -21.23
CA GLN B 221 12.21 -6.12 -20.82
C GLN B 221 13.10 -6.28 -22.06
N ASP B 222 12.55 -6.96 -23.06
CA ASP B 222 13.21 -7.17 -24.33
C ASP B 222 13.83 -5.86 -24.87
N THR B 223 13.07 -4.79 -24.79
CA THR B 223 13.55 -3.49 -25.24
C THR B 223 14.64 -2.92 -24.34
N ILE B 224 14.51 -3.17 -23.04
CA ILE B 224 15.49 -2.68 -22.08
C ILE B 224 16.78 -3.45 -22.27
N LEU B 225 16.67 -4.78 -22.36
CA LEU B 225 17.84 -5.64 -22.53
C LEU B 225 18.58 -5.31 -23.83
N ARG B 226 17.83 -5.10 -24.90
CA ARG B 226 18.41 -4.71 -26.18
C ARG B 226 19.13 -3.38 -26.02
N ALA B 227 18.47 -2.45 -25.34
CA ALA B 227 19.05 -1.13 -25.13
C ALA B 227 20.26 -1.17 -24.20
N LEU B 228 20.30 -2.19 -23.36
CA LEU B 228 21.40 -2.33 -22.41
C LEU B 228 22.60 -2.96 -23.12
N GLU B 229 22.31 -3.97 -23.94
CA GLU B 229 23.35 -4.64 -24.70
C GLU B 229 24.04 -3.61 -25.60
N PHE B 230 23.23 -2.79 -26.27
CA PHE B 230 23.75 -1.77 -27.17
C PHE B 230 24.49 -0.68 -26.42
N HIS B 231 23.99 -0.34 -25.25
CA HIS B 231 24.63 0.68 -24.45
C HIS B 231 26.01 0.25 -23.93
N LEU B 232 26.14 -1.01 -23.56
CA LEU B 232 27.40 -1.53 -23.01
C LEU B 232 28.45 -1.72 -24.10
N GLN B 233 27.99 -1.96 -25.32
CA GLN B 233 28.87 -2.10 -26.46
C GLN B 233 29.56 -0.76 -26.65
N ALA B 234 28.75 0.28 -26.68
CA ALA B 234 29.24 1.64 -26.83
C ALA B 234 30.09 2.05 -25.63
N ASN B 235 29.42 2.17 -24.47
CA ASN B 235 30.10 2.58 -23.25
C ASN B 235 31.29 1.71 -22.84
N HIS B 236 31.21 0.41 -23.13
CA HIS B 236 32.28 -0.50 -22.70
C HIS B 236 32.91 -1.29 -23.85
N PRO B 237 33.71 -0.61 -24.67
CA PRO B 237 34.32 -1.20 -25.86
C PRO B 237 35.27 -2.37 -25.66
N ASP B 238 36.02 -2.35 -24.57
CA ASP B 238 36.97 -3.44 -24.30
C ASP B 238 36.32 -4.63 -23.59
N ALA B 239 35.15 -4.41 -22.96
CA ALA B 239 34.47 -5.47 -22.22
C ALA B 239 33.42 -6.18 -23.09
N GLN B 240 33.86 -7.26 -23.74
CA GLN B 240 33.01 -8.01 -24.67
C GLN B 240 31.97 -8.91 -24.02
N TYR B 241 32.24 -9.36 -22.80
CA TYR B 241 31.33 -10.28 -22.12
C TYR B 241 30.68 -9.67 -20.89
N LEU B 242 30.59 -8.34 -20.90
CA LEU B 242 30.00 -7.60 -19.81
C LEU B 242 28.50 -7.86 -19.71
N PHE B 243 27.82 -7.84 -20.85
CA PHE B 243 26.38 -8.04 -20.88
C PHE B 243 25.92 -9.34 -20.24
N PRO B 244 26.54 -10.45 -20.63
CA PRO B 244 26.15 -11.74 -20.09
C PRO B 244 26.58 -11.86 -18.63
N LYS B 245 27.61 -11.11 -18.26
CA LYS B 245 28.11 -11.11 -16.88
C LYS B 245 27.08 -10.41 -16.00
N LEU B 246 26.49 -9.36 -16.54
CA LEU B 246 25.44 -8.61 -15.88
C LEU B 246 24.18 -9.48 -15.72
N LEU B 247 23.86 -10.25 -16.76
CA LEU B 247 22.70 -11.12 -16.70
C LEU B 247 22.83 -12.09 -15.53
N GLN B 248 24.03 -12.60 -15.35
CA GLN B 248 24.33 -13.52 -14.24
C GLN B 248 24.18 -12.79 -12.91
N LYS B 249 24.61 -11.55 -12.87
CA LYS B 249 24.50 -10.77 -11.64
C LYS B 249 23.04 -10.70 -11.20
N MET B 250 22.13 -10.72 -12.17
CA MET B 250 20.71 -10.65 -11.87
C MET B 250 20.25 -11.88 -11.12
N ALA B 251 20.86 -13.02 -11.43
CA ALA B 251 20.51 -14.27 -10.79
C ALA B 251 21.12 -14.29 -9.39
N ASP B 252 22.26 -13.61 -9.26
CA ASP B 252 22.93 -13.49 -7.95
C ASP B 252 22.04 -12.62 -7.02
N LEU B 253 21.49 -11.54 -7.58
CA LEU B 253 20.65 -10.62 -6.82
C LEU B 253 19.41 -11.32 -6.29
N ARG B 254 18.79 -12.14 -7.13
CA ARG B 254 17.62 -12.90 -6.73
C ARG B 254 17.92 -13.78 -5.53
N GLN B 255 19.06 -14.46 -5.55
CA GLN B 255 19.46 -15.34 -4.45
C GLN B 255 19.71 -14.51 -3.18
N LEU B 256 20.41 -13.39 -3.35
CA LEU B 256 20.74 -12.47 -2.27
C LEU B 256 19.47 -11.91 -1.61
N VAL B 257 18.49 -11.59 -2.44
CA VAL B 257 17.22 -11.07 -1.95
C VAL B 257 16.44 -12.18 -1.24
N THR B 258 16.53 -13.39 -1.78
CA THR B 258 15.84 -14.53 -1.16
C THR B 258 16.31 -14.73 0.26
N GLU B 259 17.62 -14.62 0.45
CA GLU B 259 18.26 -14.76 1.75
C GLU B 259 17.98 -13.59 2.71
N HIS B 260 17.97 -12.36 2.17
CA HIS B 260 17.64 -11.19 2.99
C HIS B 260 16.24 -11.36 3.58
N ALA B 261 15.32 -11.83 2.74
CA ALA B 261 13.94 -12.03 3.18
C ALA B 261 13.86 -13.08 4.30
N GLN B 262 14.58 -14.19 4.15
CA GLN B 262 14.59 -15.22 5.19
C GLN B 262 15.15 -14.65 6.47
N MET B 263 16.23 -13.89 6.35
CA MET B 263 16.86 -13.26 7.50
C MET B 263 15.84 -12.34 8.18
N MET B 264 15.16 -11.52 7.38
CA MET B 264 14.19 -10.56 7.90
C MET B 264 13.07 -11.23 8.68
N GLN B 265 12.66 -12.42 8.23
CA GLN B 265 11.61 -13.21 8.89
C GLN B 265 12.06 -13.85 10.21
N ARG B 266 13.32 -14.26 10.27
CA ARG B 266 13.90 -14.85 11.49
C ARG B 266 14.01 -13.79 12.57
N ILE B 267 14.44 -12.60 12.17
CA ILE B 267 14.58 -11.51 13.13
C ILE B 267 13.18 -11.18 13.64
N LYS B 268 12.19 -11.36 12.77
CA LYS B 268 10.79 -11.10 13.11
C LYS B 268 10.28 -12.05 14.19
N LYS B 269 10.54 -13.34 14.01
CA LYS B 269 10.09 -14.32 14.98
C LYS B 269 10.98 -14.28 16.21
N THR B 270 12.29 -14.20 16.00
CA THR B 270 13.26 -14.21 17.08
C THR B 270 13.28 -12.94 17.94
N GLU B 271 13.33 -11.79 17.29
CA GLU B 271 13.39 -10.53 18.02
C GLU B 271 12.01 -9.87 18.08
N THR B 272 11.11 -10.47 18.86
CA THR B 272 9.73 -9.98 18.97
C THR B 272 9.67 -8.61 19.63
N GLU B 273 10.84 -8.05 19.91
CA GLU B 273 10.98 -6.72 20.48
C GLU B 273 11.15 -5.71 19.33
N THR B 274 11.53 -6.21 18.16
CA THR B 274 11.76 -5.36 17.00
C THR B 274 10.59 -5.46 16.01
N SER B 275 10.51 -4.50 15.11
CA SER B 275 9.39 -4.46 14.18
C SER B 275 9.77 -3.97 12.79
N LEU B 276 9.02 -4.42 11.79
CA LEU B 276 9.24 -4.01 10.41
C LEU B 276 8.22 -2.96 9.97
N HIS B 277 8.71 -1.91 9.31
CA HIS B 277 7.81 -0.90 8.75
C HIS B 277 6.82 -1.68 7.85
N PRO B 278 5.53 -1.39 7.98
CA PRO B 278 4.49 -2.15 7.27
C PRO B 278 4.68 -2.37 5.76
N LEU B 279 5.37 -1.46 5.08
CA LEU B 279 5.62 -1.62 3.65
C LEU B 279 6.64 -2.76 3.44
N LEU B 280 7.64 -2.79 4.31
CA LEU B 280 8.68 -3.83 4.25
C LEU B 280 8.07 -5.18 4.59
N GLN B 281 7.21 -5.20 5.59
CA GLN B 281 6.55 -6.43 6.03
C GLN B 281 5.80 -7.06 4.85
N GLU B 282 5.03 -6.24 4.14
CA GLU B 282 4.23 -6.73 3.03
C GLU B 282 5.14 -7.42 2.00
N ILE B 283 6.19 -6.71 1.60
CA ILE B 283 7.15 -7.22 0.62
C ILE B 283 7.80 -8.53 0.99
N TYR B 284 8.37 -8.59 2.18
CA TYR B 284 9.11 -9.76 2.61
C TYR B 284 8.25 -11.01 2.68
N LYS B 285 7.28 -10.99 3.58
CA LYS B 285 6.43 -12.14 3.86
C LYS B 285 6.21 -13.29 2.86
N ASP B 286 6.00 -12.97 1.59
CA ASP B 286 5.83 -14.03 0.59
C ASP B 286 6.84 -13.86 -0.53
N MET B 287 7.99 -14.51 -0.39
CA MET B 287 9.05 -14.41 -1.38
C MET B 287 9.83 -15.71 -1.50
#